data_2O7Y
#
_entry.id   2O7Y
#
loop_
_entity.id
_entity.type
_entity.pdbx_description
1 polymer "5'-D(*CP*CP*AP*AP*AP*GP*(ORP)P*AP*CP*CP*GP*GP*G)-3'"
2 polymer "5'-D(*CP*CP*CP*GP*GP*TP*TP*CP*TP*TP*TP*GP*G)-3'"
#
loop_
_entity_poly.entity_id
_entity_poly.type
_entity_poly.pdbx_seq_one_letter_code
_entity_poly.pdbx_strand_id
1 'polydeoxyribonucleotide' (DC)(DC)(DA)(DA)(DA)(DG)(ORP)(DA)(DC)(DC)(DG)(DG)(DG) A
2 'polydeoxyribonucleotide' (DC)(DC)(DC)(DG)(DG)(DT)(DT)(DC)(DT)(DT)(DT)(DG)(DG) B
#